data_1EXL
#
_entry.id   1EXL
#
_cell.length_a   1.000
_cell.length_b   1.000
_cell.length_c   1.000
_cell.angle_alpha   90.00
_cell.angle_beta   90.00
_cell.angle_gamma   90.00
#
_symmetry.space_group_name_H-M   'P 1'
#
loop_
_entity.id
_entity.type
_entity.pdbx_description
1 polymer "DNA (5'-D(*CP*AP*GP*TP*GP*(2AR)P*GP*TP*CP*AP*C)-3')"
2 polymer "DNA (5'-D(*GP*TP*GP*AP*CP*TP*CP*AP*CP*TP*G)-3')"
#
loop_
_entity_poly.entity_id
_entity_poly.type
_entity_poly.pdbx_seq_one_letter_code
_entity_poly.pdbx_strand_id
1 'polydeoxyribonucleotide' (DC)(DA)(DG)(DT)(DG)(2AR)(DG)(DT)(DC)(DA)(DC) A
2 'polydeoxyribonucleotide' (DG)(DT)(DG)(DA)(DC)(DT)(DC)(DA)(DC)(DT)(DG) B
#